data_1KMI
#
_entry.id   1KMI
#
_cell.length_a   163.280
_cell.length_b   163.280
_cell.length_c   54.133
_cell.angle_alpha   90.00
_cell.angle_beta   90.00
_cell.angle_gamma   90.00
#
_symmetry.space_group_name_H-M   'P 43 21 2'
#
loop_
_entity.id
_entity.type
_entity.pdbx_description
1 polymer 'Chemotaxis protein cheY'
2 polymer 'Chemotaxis protein cheZ'
3 non-polymer 'MAGNESIUM ION'
4 non-polymer 'BERYLLIUM TRIFLUORIDE ION'
5 non-polymer BICINE
#
loop_
_entity_poly.entity_id
_entity_poly.type
_entity_poly.pdbx_seq_one_letter_code
_entity_poly.pdbx_strand_id
1 'polypeptide(L)'
;MADKELKFLVVDDFSTMRRIVRNLLKELGFNNVEEAEDGVDALNKLQAGGYGFVISDWNMPNMDGLELLKTIRADGAMSA
LPVLMVTAEAKKENIIAAAQAGASGYVVKPFTAATLEEKLNKIFEKLGM
;
Y
2 'polypeptide(L)'
;MMQPSIKPADEHSAGDIIARIGSLTRMLRDSLRELGLDQAIAEAAEAIPDARDRLYYVVQMTAQAAERALNSVEASQPHQ
DQMEKSAKALTQRWDDWFADPIDLADARELVTDTRQFLADVPAHTSFTNAQLLKIMMAQDFQDLTGQVIKRMMDVIQEIE
RQLLMVLLENIPEQESRPKRENQSLLNGPQVDTSKAGVVASQDQVDDLLDSLGF
;
Z
#
loop_
_chem_comp.id
_chem_comp.type
_chem_comp.name
_chem_comp.formula
BCN non-polymer BICINE 'C6 H13 N O4'
BEF non-polymer 'BERYLLIUM TRIFLUORIDE ION' 'Be F3 -1'
MG non-polymer 'MAGNESIUM ION' 'Mg 2'
#
# COMPACT_ATOMS: atom_id res chain seq x y z
N ALA A 2 16.71 -7.84 -19.26
CA ALA A 2 17.46 -8.61 -18.23
C ALA A 2 17.11 -10.09 -18.29
N ASP A 3 18.02 -10.93 -17.80
CA ASP A 3 17.79 -12.37 -17.79
C ASP A 3 16.53 -12.65 -16.98
N LYS A 4 15.59 -13.34 -17.59
CA LYS A 4 14.33 -13.66 -16.94
C LYS A 4 14.42 -14.59 -15.72
N GLU A 5 15.58 -15.21 -15.52
CA GLU A 5 15.77 -16.10 -14.38
C GLU A 5 16.31 -15.33 -13.17
N LEU A 6 16.60 -14.05 -13.39
CA LEU A 6 17.11 -13.18 -12.34
C LEU A 6 16.31 -13.37 -11.05
N LYS A 7 17.02 -13.63 -9.96
CA LYS A 7 16.36 -13.84 -8.68
C LYS A 7 16.11 -12.55 -7.90
N PHE A 8 14.83 -12.28 -7.64
CA PHE A 8 14.42 -11.08 -6.91
C PHE A 8 14.07 -11.37 -5.46
N LEU A 9 14.24 -10.36 -4.61
CA LEU A 9 13.90 -10.49 -3.20
C LEU A 9 13.03 -9.29 -2.85
N VAL A 10 11.74 -9.54 -2.68
CA VAL A 10 10.77 -8.51 -2.34
C VAL A 10 10.59 -8.44 -0.84
N VAL A 11 11.01 -7.32 -0.25
CA VAL A 11 10.93 -7.13 1.19
C VAL A 11 9.99 -6.00 1.60
N ASP A 12 8.96 -6.37 2.36
CA ASP A 12 7.98 -5.41 2.88
C ASP A 12 7.17 -6.09 3.99
N ASP A 13 6.78 -5.32 5.01
CA ASP A 13 6.04 -5.85 6.14
C ASP A 13 4.56 -6.12 5.88
N PHE A 14 4.03 -5.63 4.76
CA PHE A 14 2.63 -5.85 4.45
C PHE A 14 2.41 -6.86 3.32
N SER A 15 1.68 -7.93 3.62
CA SER A 15 1.35 -8.97 2.65
C SER A 15 0.79 -8.31 1.38
N THR A 16 -0.35 -7.66 1.50
CA THR A 16 -0.96 -6.95 0.40
C THR A 16 0.11 -6.44 -0.57
N MET A 17 1.05 -5.67 -0.04
CA MET A 17 2.10 -5.07 -0.84
C MET A 17 3.20 -5.96 -1.39
N ARG A 18 3.42 -7.14 -0.81
CA ARG A 18 4.45 -8.01 -1.39
C ARG A 18 3.83 -8.76 -2.56
N ARG A 19 2.57 -9.14 -2.39
CA ARG A 19 1.83 -9.86 -3.41
C ARG A 19 1.58 -8.96 -4.62
N ILE A 20 1.32 -7.67 -4.38
CA ILE A 20 1.12 -6.74 -5.49
C ILE A 20 2.39 -6.52 -6.30
N VAL A 21 3.55 -6.67 -5.66
CA VAL A 21 4.80 -6.51 -6.39
C VAL A 21 5.19 -7.82 -7.04
N ARG A 22 4.82 -8.94 -6.41
CA ARG A 22 5.13 -10.24 -6.99
C ARG A 22 4.46 -10.29 -8.35
N ASN A 23 3.14 -10.11 -8.35
CA ASN A 23 2.39 -10.14 -9.60
C ASN A 23 2.99 -9.19 -10.61
N LEU A 24 3.18 -7.93 -10.24
CA LEU A 24 3.77 -6.96 -11.17
C LEU A 24 5.04 -7.50 -11.83
N LEU A 25 5.82 -8.27 -11.07
CA LEU A 25 7.04 -8.86 -11.62
C LEU A 25 6.72 -10.06 -12.49
N LYS A 26 5.63 -10.76 -12.17
CA LYS A 26 5.22 -11.93 -12.95
C LYS A 26 4.81 -11.46 -14.36
N GLU A 27 4.15 -10.30 -14.42
CA GLU A 27 3.74 -9.74 -15.71
C GLU A 27 4.96 -9.35 -16.53
N LEU A 28 6.06 -9.04 -15.84
CA LEU A 28 7.28 -8.65 -16.52
C LEU A 28 8.16 -9.84 -16.88
N GLY A 29 7.71 -11.04 -16.48
CA GLY A 29 8.43 -12.27 -16.78
C GLY A 29 9.35 -12.85 -15.73
N PHE A 30 9.46 -12.18 -14.60
CA PHE A 30 10.34 -12.65 -13.54
C PHE A 30 9.58 -13.53 -12.56
N ASN A 31 9.75 -14.84 -12.69
CA ASN A 31 9.08 -15.81 -11.83
C ASN A 31 9.92 -16.41 -10.70
N ASN A 32 11.15 -15.95 -10.57
CA ASN A 32 12.03 -16.45 -9.50
C ASN A 32 12.13 -15.32 -8.49
N VAL A 33 11.07 -15.21 -7.67
CA VAL A 33 10.96 -14.18 -6.65
C VAL A 33 10.69 -14.74 -5.26
N GLU A 34 11.29 -14.12 -4.24
CA GLU A 34 11.10 -14.54 -2.85
C GLU A 34 10.71 -13.37 -1.94
N GLU A 35 9.99 -13.67 -0.86
CA GLU A 35 9.54 -12.63 0.05
C GLU A 35 10.30 -12.57 1.37
N ALA A 36 10.22 -11.41 2.03
CA ALA A 36 10.86 -11.18 3.31
C ALA A 36 10.02 -10.14 4.05
N GLU A 37 9.87 -10.29 5.37
CA GLU A 37 9.06 -9.34 6.13
C GLU A 37 9.80 -8.24 6.87
N ASP A 38 11.13 -8.24 6.81
CA ASP A 38 11.94 -7.22 7.46
C ASP A 38 13.42 -7.31 7.12
N GLY A 39 14.17 -6.28 7.52
CA GLY A 39 15.60 -6.24 7.25
C GLY A 39 16.35 -7.50 7.62
N VAL A 40 16.15 -7.98 8.84
CA VAL A 40 16.83 -9.19 9.31
C VAL A 40 16.51 -10.41 8.46
N ASP A 41 15.21 -10.73 8.34
CA ASP A 41 14.81 -11.88 7.55
C ASP A 41 15.29 -11.75 6.12
N ALA A 42 15.45 -10.51 5.67
CA ALA A 42 15.92 -10.24 4.31
C ALA A 42 17.39 -10.65 4.21
N LEU A 43 18.19 -10.20 5.17
CA LEU A 43 19.60 -10.53 5.19
C LEU A 43 19.80 -12.03 5.38
N ASN A 44 18.87 -12.67 6.09
CA ASN A 44 18.94 -14.12 6.30
C ASN A 44 18.85 -14.88 5.00
N LYS A 45 18.04 -14.37 4.07
CA LYS A 45 17.88 -15.01 2.78
C LYS A 45 19.00 -14.61 1.83
N LEU A 46 19.50 -13.37 1.97
CA LEU A 46 20.59 -12.90 1.12
C LEU A 46 21.84 -13.67 1.49
N GLN A 47 21.79 -14.29 2.67
CA GLN A 47 22.89 -15.10 3.19
C GLN A 47 22.89 -16.43 2.44
N ALA A 48 21.69 -16.98 2.21
CA ALA A 48 21.54 -18.23 1.49
C ALA A 48 22.16 -18.14 0.09
N GLY A 49 22.19 -16.92 -0.47
CA GLY A 49 22.77 -16.72 -1.78
C GLY A 49 21.88 -16.93 -3.00
N GLY A 50 22.25 -16.28 -4.10
CA GLY A 50 21.53 -16.37 -5.36
C GLY A 50 20.93 -15.08 -5.87
N TYR A 51 20.50 -14.23 -4.94
CA TYR A 51 19.87 -12.97 -5.30
C TYR A 51 20.74 -12.00 -6.10
N GLY A 52 20.09 -11.33 -7.04
CA GLY A 52 20.79 -10.38 -7.88
C GLY A 52 20.03 -9.07 -7.96
N PHE A 53 18.85 -9.04 -7.33
CA PHE A 53 18.05 -7.83 -7.34
C PHE A 53 17.14 -7.76 -6.11
N VAL A 54 17.12 -6.61 -5.45
CA VAL A 54 16.30 -6.39 -4.26
C VAL A 54 15.44 -5.14 -4.31
N ILE A 55 14.16 -5.33 -3.97
CA ILE A 55 13.21 -4.23 -3.93
C ILE A 55 12.72 -4.22 -2.51
N SER A 56 12.93 -3.11 -1.80
CA SER A 56 12.50 -3.05 -0.42
C SER A 56 11.73 -1.81 -0.01
N ASP A 57 11.03 -1.94 1.11
CA ASP A 57 10.27 -0.83 1.66
C ASP A 57 11.16 -0.19 2.73
N TRP A 58 10.73 0.94 3.28
CA TRP A 58 11.53 1.59 4.29
C TRP A 58 11.09 1.25 5.72
N ASN A 59 9.86 1.60 6.07
CA ASN A 59 9.30 1.34 7.40
C ASN A 59 8.94 -0.11 7.71
N MET A 60 9.77 -0.79 8.48
CA MET A 60 9.57 -2.19 8.85
C MET A 60 10.23 -2.51 10.19
N PRO A 61 9.61 -3.40 11.00
CA PRO A 61 10.08 -3.84 12.31
C PRO A 61 11.35 -4.70 12.28
N ASN A 62 12.07 -4.75 13.39
CA ASN A 62 13.30 -5.53 13.53
C ASN A 62 14.54 -4.91 12.86
N MET A 63 14.37 -4.44 11.62
CA MET A 63 15.44 -3.78 10.86
C MET A 63 14.84 -3.08 9.65
N ASP A 64 14.71 -1.76 9.73
CA ASP A 64 14.12 -0.99 8.64
C ASP A 64 14.88 -1.11 7.33
N GLY A 65 14.35 -0.46 6.29
CA GLY A 65 14.95 -0.52 4.97
C GLY A 65 16.29 0.16 4.83
N LEU A 66 16.43 1.35 5.43
CA LEU A 66 17.69 2.07 5.33
C LEU A 66 18.80 1.26 6.00
N GLU A 67 18.45 0.55 7.07
CA GLU A 67 19.43 -0.29 7.79
C GLU A 67 19.81 -1.51 6.97
N LEU A 68 18.87 -1.98 6.15
CA LEU A 68 19.10 -3.14 5.31
C LEU A 68 19.92 -2.72 4.10
N LEU A 69 19.74 -1.47 3.67
CA LEU A 69 20.46 -0.91 2.53
C LEU A 69 21.94 -0.73 2.83
N LYS A 70 22.24 -0.15 3.98
CA LYS A 70 23.63 0.09 4.38
C LYS A 70 24.31 -1.22 4.75
N THR A 71 23.54 -2.22 5.17
CA THR A 71 24.08 -3.51 5.55
C THR A 71 24.59 -4.28 4.33
N ILE A 72 23.86 -4.15 3.23
CA ILE A 72 24.20 -4.80 1.97
C ILE A 72 25.35 -4.05 1.28
N ARG A 73 25.29 -2.73 1.34
CA ARG A 73 26.31 -1.87 0.76
C ARG A 73 27.64 -1.96 1.51
N ALA A 74 27.59 -2.45 2.74
CA ALA A 74 28.77 -2.59 3.60
C ALA A 74 29.31 -4.01 3.67
N ASP A 75 28.51 -4.97 3.25
CA ASP A 75 28.94 -6.36 3.27
C ASP A 75 29.77 -6.55 2.00
N GLY A 76 30.93 -7.19 2.13
CA GLY A 76 31.78 -7.38 0.97
C GLY A 76 31.25 -8.31 -0.10
N ALA A 77 30.32 -9.18 0.26
CA ALA A 77 29.76 -10.14 -0.69
C ALA A 77 28.40 -9.77 -1.30
N MET A 78 27.95 -8.54 -1.10
CA MET A 78 26.66 -8.12 -1.66
C MET A 78 26.65 -6.63 -1.98
N SER A 79 27.80 -5.99 -1.78
CA SER A 79 27.96 -4.56 -2.00
C SER A 79 27.35 -3.97 -3.27
N ALA A 80 27.47 -4.66 -4.39
CA ALA A 80 26.93 -4.15 -5.66
C ALA A 80 25.53 -4.64 -6.02
N LEU A 81 24.93 -5.42 -5.12
CA LEU A 81 23.59 -5.96 -5.35
C LEU A 81 22.60 -4.82 -5.59
N PRO A 82 21.94 -4.79 -6.75
CA PRO A 82 20.97 -3.73 -7.05
C PRO A 82 19.88 -3.66 -5.99
N VAL A 83 19.55 -2.45 -5.57
CA VAL A 83 18.52 -2.25 -4.56
C VAL A 83 17.59 -1.10 -4.93
N LEU A 84 16.37 -1.47 -5.34
CA LEU A 84 15.35 -0.50 -5.70
C LEU A 84 14.42 -0.28 -4.54
N MET A 85 14.29 0.97 -4.12
CA MET A 85 13.41 1.32 -3.01
C MET A 85 11.97 1.57 -3.45
N VAL A 86 11.05 0.90 -2.75
CA VAL A 86 9.62 1.04 -3.00
C VAL A 86 8.98 1.23 -1.64
N THR A 87 8.76 2.49 -1.29
CA THR A 87 8.20 2.84 0.00
C THR A 87 7.21 4.00 -0.07
N ALA A 88 6.73 4.43 1.11
CA ALA A 88 5.76 5.51 1.24
C ALA A 88 6.40 6.82 1.67
N GLU A 89 7.64 6.77 2.16
CA GLU A 89 8.35 7.97 2.59
C GLU A 89 8.54 8.92 1.42
N ALA A 90 8.24 10.20 1.61
CA ALA A 90 8.35 11.18 0.54
C ALA A 90 9.09 12.48 0.90
N LYS A 91 9.61 12.55 2.13
CA LYS A 91 10.33 13.73 2.58
C LYS A 91 11.67 13.79 1.86
N LYS A 92 11.92 14.89 1.14
CA LYS A 92 13.17 15.04 0.42
C LYS A 92 14.35 14.60 1.27
N GLU A 93 14.20 14.75 2.58
CA GLU A 93 15.25 14.38 3.53
C GLU A 93 15.50 12.88 3.61
N ASN A 94 14.48 12.08 3.34
CA ASN A 94 14.63 10.63 3.39
C ASN A 94 15.02 10.09 2.03
N ILE A 95 14.59 10.78 0.98
CA ILE A 95 14.92 10.39 -0.38
C ILE A 95 16.42 10.55 -0.50
N ILE A 96 16.92 11.66 0.01
CA ILE A 96 18.34 11.94 -0.01
C ILE A 96 19.05 10.87 0.80
N ALA A 97 18.62 10.73 2.05
CA ALA A 97 19.19 9.76 2.98
C ALA A 97 19.40 8.37 2.38
N ALA A 98 18.37 7.86 1.71
CA ALA A 98 18.46 6.54 1.10
C ALA A 98 19.32 6.65 -0.16
N ALA A 99 19.32 7.83 -0.77
CA ALA A 99 20.09 8.08 -1.98
C ALA A 99 21.58 7.98 -1.66
N GLN A 100 21.99 8.67 -0.59
CA GLN A 100 23.39 8.67 -0.17
C GLN A 100 23.80 7.31 0.41
N ALA A 101 22.82 6.53 0.87
CA ALA A 101 23.08 5.22 1.46
C ALA A 101 23.45 4.22 0.37
N GLY A 102 23.18 4.58 -0.88
CA GLY A 102 23.51 3.71 -1.99
C GLY A 102 22.32 3.02 -2.62
N ALA A 103 21.21 3.75 -2.75
CA ALA A 103 20.00 3.17 -3.34
C ALA A 103 20.08 3.15 -4.86
N SER A 104 19.72 2.01 -5.45
CA SER A 104 19.74 1.86 -6.90
C SER A 104 18.65 2.75 -7.49
N GLY A 105 17.45 2.68 -6.92
CA GLY A 105 16.34 3.48 -7.39
C GLY A 105 15.34 3.79 -6.28
N TYR A 106 14.40 4.70 -6.55
CA TYR A 106 13.42 5.08 -5.54
C TYR A 106 12.00 5.21 -6.08
N VAL A 107 11.08 4.41 -5.56
CA VAL A 107 9.67 4.45 -5.97
C VAL A 107 8.73 4.71 -4.79
N VAL A 108 7.94 5.79 -4.91
CA VAL A 108 7.01 6.19 -3.85
C VAL A 108 5.64 5.56 -4.03
N LYS A 109 5.04 5.13 -2.92
CA LYS A 109 3.70 4.52 -2.96
C LYS A 109 2.68 5.63 -2.78
N PRO A 110 1.51 5.51 -3.43
CA PRO A 110 1.07 4.44 -4.31
C PRO A 110 1.75 4.61 -5.66
N PHE A 111 2.12 3.52 -6.31
CA PHE A 111 2.79 3.63 -7.60
C PHE A 111 2.03 2.88 -8.68
N THR A 112 2.29 3.25 -9.94
CA THR A 112 1.65 2.63 -11.07
C THR A 112 2.52 1.49 -11.54
N ALA A 113 1.90 0.53 -12.22
CA ALA A 113 2.62 -0.61 -12.75
C ALA A 113 3.64 -0.05 -13.74
N ALA A 114 3.23 1.01 -14.44
CA ALA A 114 4.08 1.67 -15.42
C ALA A 114 5.33 2.22 -14.76
N THR A 115 5.16 2.78 -13.57
CA THR A 115 6.28 3.35 -12.84
C THR A 115 7.27 2.30 -12.36
N LEU A 116 6.78 1.12 -11.95
CA LEU A 116 7.68 0.08 -11.48
C LEU A 116 8.58 -0.43 -12.60
N GLU A 117 7.98 -0.70 -13.76
CA GLU A 117 8.75 -1.17 -14.91
C GLU A 117 9.73 -0.10 -15.35
N GLU A 118 9.29 1.15 -15.29
CA GLU A 118 10.09 2.29 -15.69
C GLU A 118 11.37 2.41 -14.86
N LYS A 119 11.28 2.13 -13.57
CA LYS A 119 12.43 2.21 -12.69
C LYS A 119 13.17 0.88 -12.60
N LEU A 120 12.54 -0.20 -13.03
CA LEU A 120 13.22 -1.49 -13.01
C LEU A 120 14.16 -1.54 -14.19
N ASN A 121 13.76 -0.89 -15.29
CA ASN A 121 14.59 -0.86 -16.49
C ASN A 121 15.69 0.18 -16.39
N LYS A 122 15.38 1.31 -15.76
CA LYS A 122 16.36 2.37 -15.60
C LYS A 122 17.53 1.83 -14.76
N ILE A 123 17.25 0.78 -13.99
CA ILE A 123 18.26 0.15 -13.14
C ILE A 123 19.03 -0.90 -13.93
N PHE A 124 18.34 -1.58 -14.85
CA PHE A 124 19.00 -2.58 -15.67
C PHE A 124 19.87 -1.88 -16.72
N GLU A 125 19.49 -0.64 -17.04
CA GLU A 125 20.20 0.15 -18.04
C GLU A 125 21.56 0.65 -17.58
N LYS A 126 21.61 1.26 -16.40
CA LYS A 126 22.87 1.77 -15.89
C LYS A 126 23.83 0.68 -15.42
N LEU A 127 23.30 -0.50 -15.12
CA LEU A 127 24.13 -1.63 -14.68
C LEU A 127 24.39 -2.62 -15.79
N GLY A 128 23.99 -2.25 -17.00
CA GLY A 128 24.19 -3.13 -18.14
C GLY A 128 23.73 -4.56 -17.87
N MET A 129 22.59 -4.69 -17.20
CA MET A 129 22.04 -6.01 -16.89
C MET A 129 21.20 -6.51 -18.06
N SER B 5 -38.86 23.30 57.64
CA SER B 5 -37.41 23.67 57.66
C SER B 5 -37.11 24.36 59.00
N ILE B 6 -37.08 23.56 60.06
CA ILE B 6 -36.84 24.09 61.40
C ILE B 6 -35.56 23.62 62.11
N LYS B 7 -35.04 22.44 61.77
CA LYS B 7 -33.85 21.94 62.45
C LYS B 7 -32.75 21.45 61.49
N PRO B 8 -31.49 21.92 61.67
CA PRO B 8 -30.75 22.82 62.58
C PRO B 8 -30.62 24.31 62.12
N ALA B 9 -29.40 24.86 62.15
CA ALA B 9 -29.18 26.25 61.76
C ALA B 9 -27.90 26.63 60.98
N ASP B 10 -26.74 26.56 61.65
CA ASP B 10 -25.45 26.88 61.01
C ASP B 10 -25.15 26.02 59.79
N GLU B 11 -26.02 26.08 58.78
CA GLU B 11 -25.82 25.27 57.59
C GLU B 11 -25.32 25.96 56.34
N HIS B 12 -24.30 25.34 55.75
CA HIS B 12 -23.63 25.82 54.56
C HIS B 12 -24.58 26.49 53.59
N SER B 13 -24.20 27.68 53.16
CA SER B 13 -25.02 28.43 52.21
C SER B 13 -24.66 27.95 50.82
N ALA B 14 -25.49 28.31 49.84
CA ALA B 14 -25.25 27.92 48.47
C ALA B 14 -23.91 28.48 48.08
N GLY B 15 -23.60 29.65 48.59
CA GLY B 15 -22.35 30.27 48.27
C GLY B 15 -21.19 29.50 48.83
N ASP B 16 -21.28 29.09 50.10
CA ASP B 16 -20.20 28.35 50.74
C ASP B 16 -19.79 27.07 50.02
N ILE B 17 -20.74 26.41 49.36
CA ILE B 17 -20.41 25.20 48.62
C ILE B 17 -19.66 25.64 47.39
N ILE B 18 -20.24 26.56 46.61
CA ILE B 18 -19.55 27.08 45.42
C ILE B 18 -18.20 27.65 45.85
N ALA B 19 -18.20 28.40 46.94
CA ALA B 19 -16.97 28.98 47.45
C ALA B 19 -15.89 27.90 47.56
N ARG B 20 -16.30 26.70 47.94
CA ARG B 20 -15.38 25.59 48.12
C ARG B 20 -14.91 24.94 46.83
N ILE B 21 -15.79 24.82 45.86
CA ILE B 21 -15.44 24.23 44.58
C ILE B 21 -14.32 25.09 43.98
N GLY B 22 -14.45 26.40 44.17
CA GLY B 22 -13.44 27.33 43.67
C GLY B 22 -12.07 27.07 44.25
N SER B 23 -11.99 26.78 45.54
CA SER B 23 -10.73 26.49 46.23
C SER B 23 -10.08 25.22 45.69
N LEU B 24 -10.90 24.21 45.44
CA LEU B 24 -10.45 22.94 44.93
C LEU B 24 -10.06 23.12 43.46
N THR B 25 -10.69 24.10 42.84
CA THR B 25 -10.45 24.44 41.46
C THR B 25 -9.07 25.04 41.28
N ARG B 26 -8.79 26.08 42.08
CA ARG B 26 -7.51 26.76 42.02
C ARG B 26 -6.41 25.81 42.47
N MET B 27 -6.73 25.00 43.46
CA MET B 27 -5.78 24.05 44.00
C MET B 27 -5.37 23.11 42.88
N LEU B 28 -6.34 22.68 42.09
CA LEU B 28 -6.10 21.80 40.96
C LEU B 28 -5.26 22.56 39.96
N ARG B 29 -5.84 23.61 39.39
CA ARG B 29 -5.13 24.45 38.42
C ARG B 29 -3.64 24.56 38.75
N ASP B 30 -3.35 24.75 40.03
CA ASP B 30 -1.97 24.92 40.50
C ASP B 30 -1.11 23.72 40.84
N SER B 31 -1.68 22.54 41.05
CA SER B 31 -0.85 21.37 41.35
C SER B 31 -0.31 20.95 39.98
N LEU B 32 -1.19 21.05 38.99
CA LEU B 32 -0.85 20.70 37.64
C LEU B 32 0.15 21.74 37.15
N ARG B 33 -0.22 23.00 37.32
CA ARG B 33 0.63 24.10 36.86
C ARG B 33 2.06 24.04 37.43
N GLU B 34 2.22 23.51 38.63
CA GLU B 34 3.54 23.44 39.26
C GLU B 34 4.26 22.12 39.04
N LEU B 35 3.51 21.02 39.01
CA LEU B 35 4.14 19.74 38.79
C LEU B 35 4.38 19.58 37.29
N GLY B 36 3.92 20.55 36.51
CA GLY B 36 4.12 20.48 35.08
C GLY B 36 3.32 19.40 34.38
N LEU B 37 2.07 19.20 34.80
CA LEU B 37 1.21 18.22 34.15
C LEU B 37 0.11 19.01 33.50
N ASP B 38 0.27 20.34 33.53
CA ASP B 38 -0.64 21.27 32.90
C ASP B 38 -0.24 21.06 31.44
N GLN B 39 1.03 20.67 31.30
CA GLN B 39 1.67 20.39 30.02
C GLN B 39 1.09 19.12 29.44
N ALA B 40 1.47 18.00 30.05
CA ALA B 40 1.03 16.66 29.64
C ALA B 40 -0.39 16.57 29.10
N ILE B 41 -1.37 16.84 29.96
CA ILE B 41 -2.76 16.75 29.55
C ILE B 41 -3.11 17.71 28.42
N ALA B 42 -2.14 18.48 27.96
CA ALA B 42 -2.36 19.41 26.86
C ALA B 42 -1.72 18.90 25.55
N GLU B 43 -0.82 17.93 25.67
CA GLU B 43 -0.17 17.33 24.51
C GLU B 43 -1.06 16.21 24.02
N ALA B 44 -1.87 15.67 24.91
CA ALA B 44 -2.77 14.59 24.54
C ALA B 44 -4.07 15.14 24.00
N ALA B 45 -4.51 16.28 24.51
CA ALA B 45 -5.76 16.88 24.07
C ALA B 45 -5.61 17.51 22.70
N GLU B 46 -4.39 17.86 22.34
CA GLU B 46 -4.14 18.44 21.04
C GLU B 46 -3.67 17.41 20.03
N ALA B 47 -3.81 16.13 20.39
CA ALA B 47 -3.44 15.03 19.50
C ALA B 47 -4.74 14.57 18.86
N ILE B 48 -5.83 14.77 19.60
CA ILE B 48 -7.16 14.42 19.13
C ILE B 48 -7.49 15.15 17.82
N PRO B 49 -7.16 16.44 17.72
CA PRO B 49 -7.44 17.19 16.49
C PRO B 49 -6.74 16.57 15.27
N ASP B 50 -5.71 15.78 15.52
CA ASP B 50 -4.98 15.11 14.45
C ASP B 50 -5.58 13.75 14.15
N ALA B 51 -5.53 12.83 15.10
CA ALA B 51 -6.09 11.50 14.89
C ALA B 51 -7.44 11.54 14.17
N ARG B 52 -8.15 12.65 14.23
CA ARG B 52 -9.44 12.71 13.54
C ARG B 52 -9.19 12.82 12.04
N ASP B 53 -8.00 13.27 11.66
CA ASP B 53 -7.65 13.38 10.25
C ASP B 53 -7.22 12.00 9.75
N ARG B 54 -6.44 11.31 10.56
CA ARG B 54 -5.98 9.97 10.20
C ARG B 54 -7.11 8.93 10.12
N LEU B 55 -8.17 9.12 10.90
CA LEU B 55 -9.31 8.20 10.88
C LEU B 55 -10.29 8.61 9.80
N TYR B 56 -10.07 9.80 9.24
CA TYR B 56 -10.94 10.29 8.18
C TYR B 56 -10.16 10.07 6.88
N TYR B 57 -8.93 9.61 7.03
CA TYR B 57 -8.06 9.31 5.91
C TYR B 57 -8.37 7.88 5.56
N VAL B 58 -8.27 7.02 6.57
CA VAL B 58 -8.54 5.60 6.38
C VAL B 58 -9.92 5.40 5.76
N VAL B 59 -10.85 6.33 5.96
CA VAL B 59 -12.16 6.19 5.35
C VAL B 59 -12.17 6.75 3.93
N GLN B 60 -11.19 7.57 3.61
CA GLN B 60 -11.07 8.11 2.24
C GLN B 60 -10.62 6.93 1.38
N MET B 61 -9.44 6.40 1.70
CA MET B 61 -8.86 5.27 0.99
C MET B 61 -9.86 4.12 0.89
N THR B 62 -10.62 3.90 1.95
CA THR B 62 -11.61 2.83 1.98
C THR B 62 -12.72 3.04 0.97
N ALA B 63 -13.29 4.24 0.93
CA ALA B 63 -14.38 4.55 0.00
C ALA B 63 -13.89 4.70 -1.42
N GLN B 64 -12.59 4.58 -1.61
CA GLN B 64 -11.99 4.72 -2.92
C GLN B 64 -11.67 3.35 -3.47
N ALA B 65 -10.64 2.74 -2.91
CA ALA B 65 -10.25 1.41 -3.34
C ALA B 65 -11.42 0.41 -3.23
N ALA B 66 -12.57 0.91 -2.81
CA ALA B 66 -13.75 0.06 -2.70
C ALA B 66 -14.70 0.46 -3.80
N GLU B 67 -14.51 1.63 -4.40
CA GLU B 67 -15.40 1.96 -5.48
C GLU B 67 -14.62 1.74 -6.75
N ARG B 68 -13.30 1.72 -6.63
CA ARG B 68 -12.46 1.50 -7.79
C ARG B 68 -12.77 0.14 -8.41
N ALA B 69 -12.45 -0.93 -7.68
CA ALA B 69 -12.66 -2.29 -8.16
C ALA B 69 -14.11 -2.55 -8.47
N LEU B 70 -14.98 -2.10 -7.56
CA LEU B 70 -16.40 -2.25 -7.74
C LEU B 70 -16.75 -1.68 -9.12
N ASN B 71 -15.89 -0.81 -9.67
CA ASN B 71 -16.09 -0.24 -11.00
C ASN B 71 -15.55 -1.14 -12.09
N SER B 72 -14.53 -1.94 -11.77
CA SER B 72 -13.97 -2.88 -12.73
C SER B 72 -14.96 -4.00 -12.86
N VAL B 73 -15.32 -4.58 -11.72
CA VAL B 73 -16.31 -5.66 -11.69
C VAL B 73 -17.56 -5.21 -12.48
N GLU B 74 -17.79 -3.90 -12.45
CA GLU B 74 -18.91 -3.24 -13.12
C GLU B 74 -18.75 -3.33 -14.64
N ALA B 75 -17.53 -3.12 -15.12
CA ALA B 75 -17.23 -3.13 -16.54
C ALA B 75 -16.70 -4.43 -17.08
N SER B 76 -16.33 -5.36 -16.22
CA SER B 76 -15.84 -6.63 -16.73
C SER B 76 -16.96 -7.59 -16.97
N GLN B 77 -18.06 -7.45 -16.24
CA GLN B 77 -19.17 -8.36 -16.43
C GLN B 77 -19.79 -8.30 -17.82
N PRO B 78 -19.95 -7.10 -18.39
CA PRO B 78 -20.53 -6.98 -19.72
C PRO B 78 -19.79 -7.82 -20.76
N HIS B 79 -18.47 -7.84 -20.68
CA HIS B 79 -17.71 -8.62 -21.62
C HIS B 79 -17.78 -10.10 -21.34
N GLN B 80 -17.69 -10.52 -20.09
CA GLN B 80 -17.82 -11.96 -19.86
C GLN B 80 -19.17 -12.40 -20.40
N ASP B 81 -20.16 -11.53 -20.25
CA ASP B 81 -21.52 -11.80 -20.71
C ASP B 81 -21.59 -11.96 -22.23
N GLN B 82 -21.29 -10.88 -22.95
CA GLN B 82 -21.32 -10.90 -24.41
C GLN B 82 -20.56 -12.06 -25.04
N MET B 83 -19.31 -12.23 -24.63
CA MET B 83 -18.47 -13.29 -25.13
C MET B 83 -19.05 -14.67 -24.87
N GLU B 84 -19.86 -14.80 -23.83
CA GLU B 84 -20.44 -16.08 -23.55
C GLU B 84 -21.70 -16.39 -24.32
N LYS B 85 -22.56 -15.41 -24.58
CA LYS B 85 -23.78 -15.71 -25.32
C LYS B 85 -23.45 -15.97 -26.79
N SER B 86 -22.38 -15.36 -27.28
CA SER B 86 -21.98 -15.55 -28.66
C SER B 86 -21.46 -16.96 -28.89
N ALA B 87 -20.69 -17.47 -27.94
CA ALA B 87 -20.15 -18.82 -28.08
C ALA B 87 -21.32 -19.76 -28.03
N LYS B 88 -22.30 -19.44 -27.22
CA LYS B 88 -23.52 -20.24 -27.11
C LYS B 88 -24.41 -20.08 -28.33
N ALA B 89 -24.36 -18.89 -28.93
CA ALA B 89 -25.12 -18.57 -30.12
C ALA B 89 -24.62 -19.50 -31.24
N LEU B 90 -23.32 -19.46 -31.48
CA LEU B 90 -22.70 -20.27 -32.51
C LEU B 90 -22.78 -21.77 -32.23
N THR B 91 -22.56 -22.19 -30.98
CA THR B 91 -22.62 -23.63 -30.67
C THR B 91 -23.97 -24.17 -31.10
N GLN B 92 -24.96 -23.29 -31.10
CA GLN B 92 -26.31 -23.64 -31.51
C GLN B 92 -26.36 -23.69 -33.03
N ARG B 93 -26.02 -22.56 -33.65
CA ARG B 93 -26.01 -22.49 -35.10
C ARG B 93 -25.40 -23.75 -35.70
N TRP B 94 -24.24 -24.14 -35.19
CA TRP B 94 -23.56 -25.33 -35.71
C TRP B 94 -24.32 -26.61 -35.49
N ASP B 95 -24.80 -26.84 -34.27
CA ASP B 95 -25.54 -28.08 -34.00
C ASP B 95 -26.65 -28.26 -35.02
N ASP B 96 -27.30 -27.15 -35.39
CA ASP B 96 -28.38 -27.17 -36.38
C ASP B 96 -27.91 -27.42 -37.82
N TRP B 97 -26.88 -26.72 -38.26
CA TRP B 97 -26.39 -26.93 -39.61
C TRP B 97 -26.11 -28.40 -39.78
N PHE B 98 -25.48 -28.97 -38.75
CA PHE B 98 -25.10 -30.36 -38.74
C PHE B 98 -26.26 -31.33 -38.52
N ALA B 99 -27.45 -30.84 -38.21
CA ALA B 99 -28.57 -31.75 -37.99
C ALA B 99 -29.63 -31.57 -39.05
N ASP B 100 -29.75 -30.34 -39.52
CA ASP B 100 -30.70 -29.98 -40.56
C ASP B 100 -30.20 -30.35 -41.95
N PRO B 101 -31.09 -30.23 -42.95
CA PRO B 101 -30.76 -30.55 -44.33
C PRO B 101 -29.50 -29.82 -44.74
N ILE B 102 -28.61 -30.52 -45.44
CA ILE B 102 -27.39 -29.86 -45.82
C ILE B 102 -27.76 -28.62 -46.61
N ASP B 103 -27.08 -27.53 -46.30
CA ASP B 103 -27.26 -26.24 -46.96
C ASP B 103 -25.88 -25.64 -47.00
N LEU B 104 -25.17 -25.87 -48.10
CA LEU B 104 -23.82 -25.36 -48.26
C LEU B 104 -23.73 -23.86 -48.01
N ALA B 105 -24.77 -23.11 -48.39
CA ALA B 105 -24.78 -21.67 -48.17
C ALA B 105 -24.60 -21.37 -46.69
N ASP B 106 -25.50 -21.87 -45.86
CA ASP B 106 -25.39 -21.63 -44.43
C ASP B 106 -24.06 -22.10 -43.87
N ALA B 107 -23.50 -23.14 -44.46
CA ALA B 107 -22.22 -23.67 -44.02
C ALA B 107 -21.13 -22.62 -44.16
N ARG B 108 -21.26 -21.74 -45.17
CA ARG B 108 -20.27 -20.69 -45.38
C ARG B 108 -20.47 -19.59 -44.36
N GLU B 109 -21.68 -19.08 -44.34
CA GLU B 109 -22.05 -18.02 -43.42
C GLU B 109 -21.75 -18.40 -41.96
N LEU B 110 -21.85 -19.68 -41.62
CA LEU B 110 -21.56 -20.11 -40.26
C LEU B 110 -20.07 -20.05 -39.99
N VAL B 111 -19.25 -20.43 -40.98
CA VAL B 111 -17.78 -20.38 -40.81
C VAL B 111 -17.33 -18.93 -40.71
N THR B 112 -17.93 -18.07 -41.53
CA THR B 112 -17.59 -16.65 -41.52
C THR B 112 -17.91 -16.01 -40.17
N ASP B 113 -19.08 -16.32 -39.64
CA ASP B 113 -19.46 -15.74 -38.37
C ASP B 113 -18.71 -16.26 -37.15
N THR B 114 -18.15 -17.47 -37.23
CA THR B 114 -17.42 -17.93 -36.05
C THR B 114 -15.95 -17.48 -36.16
N ARG B 115 -15.49 -17.26 -37.37
CA ARG B 115 -14.14 -16.78 -37.49
C ARG B 115 -14.12 -15.33 -36.98
N GLN B 116 -15.30 -14.70 -36.99
CA GLN B 116 -15.45 -13.33 -36.51
C GLN B 116 -15.35 -13.38 -34.99
N PHE B 117 -16.17 -14.24 -34.38
CA PHE B 117 -16.16 -14.42 -32.94
C PHE B 117 -14.74 -14.66 -32.50
N LEU B 118 -14.09 -15.63 -33.14
CA LEU B 118 -12.71 -15.94 -32.82
C LEU B 118 -11.85 -14.68 -32.81
N ALA B 119 -12.22 -13.71 -33.63
CA ALA B 119 -11.46 -12.47 -33.71
C ALA B 119 -11.77 -11.50 -32.59
N ASP B 120 -13.02 -11.46 -32.15
CA ASP B 120 -13.41 -10.54 -31.09
C ASP B 120 -13.00 -10.99 -29.69
N VAL B 121 -12.91 -12.29 -29.46
CA VAL B 121 -12.52 -12.79 -28.14
C VAL B 121 -11.41 -11.95 -27.54
N PRO B 122 -10.26 -11.81 -28.22
CA PRO B 122 -9.20 -11.02 -27.63
C PRO B 122 -9.61 -9.65 -27.09
N ALA B 123 -10.35 -8.87 -27.87
CA ALA B 123 -10.80 -7.55 -27.41
C ALA B 123 -11.44 -7.64 -26.02
N HIS B 124 -12.36 -8.60 -25.85
CA HIS B 124 -13.06 -8.79 -24.58
C HIS B 124 -12.15 -9.40 -23.53
N THR B 125 -11.58 -10.53 -23.89
CA THR B 125 -10.71 -11.24 -22.97
C THR B 125 -9.59 -10.35 -22.46
N SER B 126 -8.98 -9.53 -23.31
CA SER B 126 -7.92 -8.65 -22.86
C SER B 126 -8.43 -7.62 -21.86
N PHE B 127 -9.34 -6.78 -22.33
CA PHE B 127 -9.97 -5.75 -21.50
C PHE B 127 -10.30 -6.27 -20.11
N THR B 128 -11.04 -7.37 -20.04
CA THR B 128 -11.42 -7.99 -18.78
C THR B 128 -10.18 -8.32 -17.97
N ASN B 129 -9.09 -8.65 -18.65
CA ASN B 129 -7.86 -9.05 -17.98
C ASN B 129 -7.06 -7.83 -17.57
N ALA B 130 -7.46 -6.68 -18.09
CA ALA B 130 -6.82 -5.40 -17.76
C ALA B 130 -7.54 -4.77 -16.60
N GLN B 131 -8.80 -5.17 -16.37
CA GLN B 131 -9.60 -4.66 -15.25
C GLN B 131 -9.22 -5.43 -14.04
N LEU B 132 -8.69 -6.64 -14.23
CA LEU B 132 -8.32 -7.42 -13.07
C LEU B 132 -7.04 -6.82 -12.51
N LEU B 133 -6.34 -6.05 -13.34
CA LEU B 133 -5.14 -5.36 -12.88
C LEU B 133 -5.59 -4.12 -12.15
N LYS B 134 -6.71 -3.54 -12.57
CA LYS B 134 -7.26 -2.37 -11.91
C LYS B 134 -7.56 -2.84 -10.50
N ILE B 135 -8.42 -3.86 -10.38
CA ILE B 135 -8.80 -4.41 -9.08
C ILE B 135 -7.59 -4.74 -8.24
N MET B 136 -6.61 -5.45 -8.79
CA MET B 136 -5.41 -5.73 -8.00
C MET B 136 -4.73 -4.42 -7.60
N MET B 137 -3.86 -3.95 -8.48
CA MET B 137 -3.12 -2.72 -8.26
C MET B 137 -3.84 -1.80 -7.29
N ALA B 138 -5.06 -1.41 -7.64
CA ALA B 138 -5.88 -0.50 -6.82
C ALA B 138 -6.01 -0.84 -5.33
N GLN B 139 -6.02 -2.13 -5.00
CA GLN B 139 -6.05 -2.50 -3.59
C GLN B 139 -4.88 -2.08 -2.72
N ASP B 140 -3.73 -1.68 -3.28
CA ASP B 140 -2.62 -1.16 -2.44
C ASP B 140 -3.01 -0.43 -1.11
N PHE B 141 -4.21 0.12 -1.04
CA PHE B 141 -4.71 0.84 0.15
C PHE B 141 -4.47 0.10 1.47
N GLN B 142 -4.41 -1.23 1.50
CA GLN B 142 -4.19 -1.86 2.82
C GLN B 142 -2.86 -1.47 3.42
N ASP B 143 -1.79 -1.73 2.68
CA ASP B 143 -0.47 -1.39 3.16
C ASP B 143 -0.46 0.06 3.64
N LEU B 144 -0.99 0.96 2.82
CA LEU B 144 -1.06 2.39 3.16
C LEU B 144 -1.98 2.62 4.34
N THR B 145 -3.26 2.36 4.14
CA THR B 145 -4.27 2.51 5.18
C THR B 145 -3.83 1.75 6.44
N GLY B 146 -2.94 0.78 6.25
CA GLY B 146 -2.45 -0.02 7.36
C GLY B 146 -1.37 0.64 8.18
N GLN B 147 -0.45 1.35 7.55
CA GLN B 147 0.63 2.03 8.28
C GLN B 147 0.13 3.24 9.04
N VAL B 148 -1.05 3.72 8.69
CA VAL B 148 -1.63 4.87 9.37
C VAL B 148 -2.36 4.40 10.63
N ILE B 149 -2.72 3.12 10.65
CA ILE B 149 -3.36 2.56 11.83
C ILE B 149 -2.18 2.13 12.70
N LYS B 150 -1.04 1.91 12.05
CA LYS B 150 0.19 1.54 12.73
C LYS B 150 0.51 2.73 13.62
N ARG B 151 0.68 3.89 13.01
CA ARG B 151 0.99 5.10 13.75
C ARG B 151 -0.13 5.51 14.70
N MET B 152 -1.34 5.69 14.18
CA MET B 152 -2.43 6.12 15.03
C MET B 152 -2.72 5.24 16.24
N MET B 153 -2.05 4.09 16.36
CA MET B 153 -2.25 3.26 17.54
C MET B 153 -1.14 3.57 18.52
N ASP B 154 -0.05 4.11 18.01
CA ASP B 154 1.08 4.51 18.84
C ASP B 154 0.74 5.83 19.51
N VAL B 155 -0.03 6.65 18.84
CA VAL B 155 -0.42 7.92 19.42
C VAL B 155 -1.40 7.65 20.56
N ILE B 156 -2.41 6.82 20.31
CA ILE B 156 -3.41 6.49 21.33
C ILE B 156 -2.75 5.83 22.53
N GLN B 157 -1.48 5.53 22.41
CA GLN B 157 -0.76 4.93 23.51
C GLN B 157 -0.15 6.02 24.38
N GLU B 158 0.34 7.10 23.75
CA GLU B 158 0.89 8.19 24.53
C GLU B 158 -0.28 8.79 25.30
N ILE B 159 -1.28 9.27 24.56
CA ILE B 159 -2.45 9.84 25.19
C ILE B 159 -2.90 8.96 26.35
N GLU B 160 -2.42 7.72 26.39
CA GLU B 160 -2.76 6.84 27.48
C GLU B 160 -1.83 7.08 28.66
N ARG B 161 -0.52 7.12 28.44
CA ARG B 161 0.37 7.33 29.57
C ARG B 161 0.34 8.76 30.10
N GLN B 162 -0.22 9.67 29.30
CA GLN B 162 -0.33 11.08 29.70
C GLN B 162 -1.48 11.22 30.70
N LEU B 163 -2.24 10.14 30.85
CA LEU B 163 -3.37 10.10 31.77
C LEU B 163 -3.05 8.97 32.72
N LEU B 164 -1.76 8.65 32.79
CA LEU B 164 -1.26 7.61 33.66
C LEU B 164 -0.29 8.27 34.62
N MET B 165 0.37 9.32 34.14
CA MET B 165 1.29 10.09 34.97
C MET B 165 0.36 10.84 35.91
N VAL B 166 -0.66 11.43 35.30
CA VAL B 166 -1.65 12.22 36.03
C VAL B 166 -2.62 11.37 36.89
N LEU B 167 -2.59 10.05 36.78
CA LEU B 167 -3.51 9.26 37.59
C LEU B 167 -3.01 8.01 38.31
N LEU B 168 -1.72 7.68 38.21
CA LEU B 168 -1.25 6.50 38.90
C LEU B 168 -0.88 6.81 40.34
N SER B 201 4.57 12.68 -5.23
CA SER B 201 4.42 12.04 -6.53
C SER B 201 5.70 11.29 -6.89
N GLN B 202 5.75 10.73 -8.09
CA GLN B 202 6.94 9.99 -8.50
C GLN B 202 7.67 10.78 -9.56
N ASP B 203 7.17 11.98 -9.85
CA ASP B 203 7.79 12.85 -10.84
C ASP B 203 8.68 13.85 -10.10
N GLN B 204 8.38 14.07 -8.83
CA GLN B 204 9.13 15.02 -8.01
C GLN B 204 10.34 14.31 -7.39
N VAL B 205 10.16 13.03 -7.09
CA VAL B 205 11.22 12.21 -6.50
C VAL B 205 12.37 12.03 -7.47
N ASP B 206 12.12 12.29 -8.74
CA ASP B 206 13.16 12.17 -9.75
C ASP B 206 13.76 13.56 -10.00
N ASP B 207 12.97 14.60 -9.76
CA ASP B 207 13.45 15.96 -9.94
C ASP B 207 14.49 16.17 -8.86
N LEU B 208 14.32 15.46 -7.75
CA LEU B 208 15.22 15.56 -6.62
C LEU B 208 16.52 14.80 -6.89
N LEU B 209 16.45 13.47 -6.82
CA LEU B 209 17.62 12.62 -7.06
C LEU B 209 18.42 12.99 -8.32
N ASP B 210 17.76 13.54 -9.33
CA ASP B 210 18.42 13.90 -10.57
C ASP B 210 18.92 15.34 -10.66
N SER B 211 18.41 16.22 -9.81
CA SER B 211 18.84 17.61 -9.84
C SER B 211 19.96 17.89 -8.84
N LEU B 212 20.09 17.02 -7.84
CA LEU B 212 21.13 17.22 -6.84
C LEU B 212 22.27 16.25 -7.15
N GLY B 213 21.91 15.05 -7.62
CA GLY B 213 22.91 14.07 -7.95
C GLY B 213 23.72 14.56 -9.13
MG MG C . 5.94 -0.61 5.49
BE BEF D . 7.22 1.88 3.46
F1 BEF D . 6.60 1.20 4.63
F2 BEF D . 8.17 2.91 3.96
F3 BEF D . 6.16 2.56 2.65
N1 BCN E . -30.88 26.87 51.55
C1 BCN E . -29.51 26.59 51.12
C2 BCN E . -28.84 25.53 52.02
O21 BCN E . -27.70 25.12 51.70
O22 BCN E . -29.43 25.11 53.05
C3 BCN E . -31.83 26.70 50.44
C4 BCN E . -32.89 25.67 50.79
O4 BCN E . -33.44 25.96 52.08
C5 BCN E . -30.99 28.25 52.08
C6 BCN E . -31.60 28.25 53.47
O6 BCN E . -30.88 29.15 54.29
#